data_4GAX
#
_entry.id   4GAX
#
_cell.length_a   52.655
_cell.length_b   77.068
_cell.length_c   68.291
_cell.angle_alpha   90.000
_cell.angle_beta   102.260
_cell.angle_gamma   90.000
#
_symmetry.space_group_name_H-M   'P 1 21 1'
#
loop_
_entity.id
_entity.type
_entity.pdbx_description
1 polymer 'Amorpha-4,11-diene synthase'
2 water water
#
_entity_poly.entity_id   1
_entity_poly.type   'polypeptide(L)'
_entity_poly.pdbx_seq_one_letter_code
;GSHMASMTGGQQMGRGSMSLTEEKPIRPIANFSPSIWGDQFLIVDNQVEQGVEQIVKDLKKEVRQLLKEALDIPMKHANL
LKLVDEIQRLGISYLFEQEIDHALQHIYETYGDNWSGARSSLWFRLMRKQGYFVTCDVFNNHKDESGVFKQSLKNHVEGL
LELYEATSMRVPGEIILEDALVFTQSHLSIIAKDTLSINPALSTEIQRALKKPLWKRLPRIEAVQYIPFYEQQDSHNKTL
IKLAKLEFNLLQSLHREELSQLSKWWKAFDVKNNAPYSRDRIVECYFWALASRFEPQYSRARIFLAKVIALVTLIDDIYD
AYGTYEELKIFTEAIERWSITCLDMIPEYMKPIYKLFMDTYTEMEEILAKEGKTNIFNCGKEFVKDFVRNLMVEAQWANE
GHIPTTEELDSVAVITGGANLLTTTCYLGMSDIVTKEAFEWAVSEPPLLRYKGILGRRLNDLAGHKEEQERKHVSSSVES
YMKEYNVSEEYAKNLLYKQVEDLWKDINREYLITKTIPRPLLVAVINLVHFLDVLYAAKDAFTAMGEEYKNLVKSLLVYP
MSI
;
_entity_poly.pdbx_strand_id   A
#
# COMPACT_ATOMS: atom_id res chain seq x y z
N ALA A 30 13.90 -24.25 -14.86
CA ALA A 30 12.95 -24.16 -13.75
C ALA A 30 11.50 -24.10 -14.22
N ASN A 31 10.59 -24.56 -13.36
CA ASN A 31 9.15 -24.47 -13.61
C ASN A 31 8.45 -23.70 -12.50
N PHE A 32 7.45 -22.92 -12.87
CA PHE A 32 6.59 -22.28 -11.88
C PHE A 32 5.23 -22.94 -11.89
N SER A 33 4.58 -23.00 -10.74
CA SER A 33 3.25 -23.59 -10.62
C SER A 33 2.24 -22.79 -11.44
N PRO A 34 1.18 -23.46 -11.92
CA PRO A 34 0.13 -22.73 -12.65
C PRO A 34 -0.60 -21.71 -11.74
N SER A 35 -1.32 -20.74 -12.30
CA SER A 35 -2.12 -19.83 -11.48
C SER A 35 -3.13 -20.67 -10.72
N ILE A 36 -3.36 -20.33 -9.45
CA ILE A 36 -4.28 -21.12 -8.64
C ILE A 36 -5.72 -20.71 -8.90
N TRP A 37 -5.89 -19.61 -9.65
CA TRP A 37 -7.20 -19.00 -9.83
C TRP A 37 -7.97 -19.52 -11.04
N GLY A 38 -7.29 -20.17 -11.97
CA GLY A 38 -7.95 -20.69 -13.15
C GLY A 38 -8.58 -19.59 -14.00
N ASP A 39 -9.79 -19.82 -14.49
CA ASP A 39 -10.47 -18.88 -15.38
C ASP A 39 -11.60 -18.08 -14.72
N GLN A 40 -11.66 -18.11 -13.39
CA GLN A 40 -12.80 -17.53 -12.67
C GLN A 40 -12.93 -16.00 -12.80
N PHE A 41 -11.82 -15.34 -13.14
CA PHE A 41 -11.85 -13.88 -13.27
C PHE A 41 -11.92 -13.39 -14.70
N LEU A 42 -11.86 -14.32 -15.67
CA LEU A 42 -11.76 -13.94 -17.08
C LEU A 42 -12.99 -13.20 -17.58
N ILE A 43 -14.15 -13.80 -17.36
CA ILE A 43 -15.43 -13.17 -17.68
C ILE A 43 -16.14 -12.86 -16.37
N VAL A 44 -16.62 -11.63 -16.25
CA VAL A 44 -17.38 -11.25 -15.06
C VAL A 44 -18.87 -11.16 -15.36
N ASP A 45 -19.67 -11.74 -14.47
CA ASP A 45 -21.11 -11.76 -14.62
C ASP A 45 -21.73 -10.92 -13.52
N ASN A 46 -20.95 -9.98 -12.98
CA ASN A 46 -21.38 -9.19 -11.83
C ASN A 46 -22.78 -8.59 -12.01
N GLN A 47 -23.62 -8.83 -11.01
CA GLN A 47 -25.08 -8.84 -11.18
C GLN A 47 -25.79 -7.86 -10.24
N VAL A 48 -26.29 -6.76 -10.80
CA VAL A 48 -26.81 -5.66 -10.01
C VAL A 48 -28.33 -5.61 -9.94
N GLU A 49 -28.85 -4.97 -8.89
CA GLU A 49 -30.26 -4.64 -8.79
C GLU A 49 -30.49 -3.23 -9.34
N GLN A 50 -31.74 -2.89 -9.61
CA GLN A 50 -32.07 -1.56 -10.11
C GLN A 50 -32.27 -0.58 -8.96
N GLY A 51 -32.14 0.71 -9.25
CA GLY A 51 -32.36 1.74 -8.25
C GLY A 51 -31.30 1.81 -7.16
N VAL A 52 -30.30 0.93 -7.26
CA VAL A 52 -29.20 0.93 -6.31
C VAL A 52 -28.46 2.27 -6.40
N GLU A 53 -28.48 2.87 -7.58
CA GLU A 53 -27.93 4.21 -7.79
C GLU A 53 -28.70 5.20 -6.91
N GLN A 54 -30.02 5.03 -6.84
CA GLN A 54 -30.90 5.96 -6.14
C GLN A 54 -30.83 5.84 -4.62
N ILE A 55 -30.87 4.60 -4.13
CA ILE A 55 -30.74 4.35 -2.71
C ILE A 55 -29.44 4.97 -2.22
N VAL A 56 -28.37 4.70 -2.94
CA VAL A 56 -27.06 5.16 -2.55
C VAL A 56 -26.96 6.68 -2.58
N LYS A 57 -27.65 7.30 -3.53
CA LYS A 57 -27.61 8.75 -3.67
C LYS A 57 -28.20 9.45 -2.43
N ASP A 58 -29.35 8.97 -1.99
CA ASP A 58 -30.01 9.52 -0.82
C ASP A 58 -29.27 9.22 0.49
N LEU A 59 -28.63 8.05 0.55
CA LEU A 59 -27.78 7.75 1.70
C LEU A 59 -26.63 8.74 1.78
N LYS A 60 -26.03 9.03 0.62
CA LYS A 60 -24.95 10.01 0.52
C LYS A 60 -25.31 11.37 1.09
N LYS A 61 -26.52 11.84 0.79
CA LYS A 61 -26.98 13.14 1.26
C LYS A 61 -27.19 13.14 2.78
N GLU A 62 -27.65 12.03 3.33
CA GLU A 62 -27.82 11.94 4.78
C GLU A 62 -26.44 12.05 5.46
N VAL A 63 -25.45 11.39 4.87
CA VAL A 63 -24.09 11.44 5.42
C VAL A 63 -23.46 12.82 5.28
N ARG A 64 -23.70 13.50 4.16
CA ARG A 64 -23.20 14.87 4.02
C ARG A 64 -23.76 15.73 5.13
N GLN A 65 -25.06 15.58 5.39
CA GLN A 65 -25.72 16.36 6.42
C GLN A 65 -25.16 16.07 7.82
N LEU A 66 -24.84 14.81 8.09
CA LEU A 66 -24.21 14.44 9.36
C LEU A 66 -22.88 15.15 9.56
N LEU A 67 -22.07 15.19 8.51
CA LEU A 67 -20.76 15.82 8.58
C LEU A 67 -20.94 17.32 8.78
N LYS A 68 -21.89 17.90 8.05
CA LYS A 68 -22.13 19.34 8.12
C LYS A 68 -22.60 19.76 9.50
N GLU A 69 -23.54 18.99 10.07
CA GLU A 69 -24.09 19.31 11.39
C GLU A 69 -23.04 19.27 12.48
N ALA A 70 -22.16 18.27 12.41
CA ALA A 70 -21.09 18.11 13.39
C ALA A 70 -20.00 19.19 13.23
N LEU A 71 -19.66 19.51 11.98
CA LEU A 71 -18.69 20.54 11.71
C LEU A 71 -19.17 21.91 12.17
N ASP A 72 -20.45 22.20 11.96
CA ASP A 72 -20.97 23.53 12.31
C ASP A 72 -21.01 23.83 13.82
N ILE A 73 -20.84 22.82 14.66
CA ILE A 73 -20.88 23.11 16.10
C ILE A 73 -19.68 22.54 16.85
N PRO A 74 -18.84 23.45 17.38
CA PRO A 74 -17.55 23.11 18.00
C PRO A 74 -17.70 22.04 19.06
N MET A 75 -18.76 22.13 19.87
CA MET A 75 -19.05 21.08 20.85
C MET A 75 -19.09 19.69 20.20
N LYS A 76 -19.48 19.61 18.93
CA LYS A 76 -19.59 18.32 18.26
C LYS A 76 -18.35 17.94 17.44
N HIS A 77 -17.27 18.68 17.61
CA HIS A 77 -16.08 18.38 16.80
C HIS A 77 -15.45 17.02 17.10
N ALA A 78 -15.48 16.59 18.36
CA ALA A 78 -14.99 15.26 18.69
C ALA A 78 -15.84 14.22 17.98
N ASN A 79 -17.16 14.44 17.96
CA ASN A 79 -18.04 13.52 17.26
C ASN A 79 -17.80 13.54 15.75
N LEU A 80 -17.38 14.70 15.24
CA LEU A 80 -17.06 14.81 13.83
C LEU A 80 -15.86 13.94 13.48
N LEU A 81 -14.84 13.98 14.34
CA LEU A 81 -13.66 13.16 14.10
C LEU A 81 -14.02 11.70 14.11
N LYS A 82 -14.90 11.31 15.03
CA LYS A 82 -15.35 9.92 15.11
C LYS A 82 -16.09 9.50 13.83
N LEU A 83 -16.92 10.40 13.31
CA LEU A 83 -17.66 10.11 12.08
C LEU A 83 -16.71 9.97 10.90
N VAL A 84 -15.72 10.87 10.84
CA VAL A 84 -14.71 10.82 9.79
C VAL A 84 -13.99 9.48 9.86
N ASP A 85 -13.58 9.09 11.07
CA ASP A 85 -12.90 7.81 11.25
C ASP A 85 -13.75 6.63 10.76
N GLU A 86 -15.04 6.65 11.06
CA GLU A 86 -15.90 5.54 10.68
C GLU A 86 -16.06 5.50 9.16
N ILE A 87 -16.23 6.66 8.55
CA ILE A 87 -16.33 6.73 7.09
C ILE A 87 -15.05 6.16 6.45
N GLN A 88 -13.90 6.51 7.01
CA GLN A 88 -12.62 6.08 6.44
C GLN A 88 -12.43 4.57 6.60
N ARG A 89 -12.68 4.08 7.80
CA ARG A 89 -12.52 2.65 8.06
C ARG A 89 -13.57 1.81 7.36
N LEU A 90 -14.75 2.37 7.15
CA LEU A 90 -15.79 1.64 6.40
C LEU A 90 -15.50 1.60 4.88
N GLY A 91 -14.50 2.37 4.47
CA GLY A 91 -13.97 2.30 3.12
C GLY A 91 -14.72 3.16 2.12
N ILE A 92 -15.46 4.16 2.61
CA ILE A 92 -16.23 5.04 1.73
C ILE A 92 -15.79 6.51 1.76
N SER A 93 -14.56 6.74 2.21
CA SER A 93 -14.04 8.10 2.24
C SER A 93 -14.01 8.73 0.85
N TYR A 94 -13.82 7.92 -0.20
CA TYR A 94 -13.80 8.45 -1.58
C TYR A 94 -15.12 9.07 -2.00
N LEU A 95 -16.20 8.74 -1.29
CA LEU A 95 -17.49 9.37 -1.58
C LEU A 95 -17.57 10.78 -1.00
N PHE A 96 -16.71 11.08 -0.03
CA PHE A 96 -16.79 12.35 0.68
C PHE A 96 -15.43 13.04 0.81
N GLU A 97 -14.68 13.01 -0.29
CA GLU A 97 -13.32 13.52 -0.32
C GLU A 97 -13.27 14.98 0.06
N GLN A 98 -14.07 15.78 -0.63
CA GLN A 98 -14.07 17.22 -0.37
C GLN A 98 -14.54 17.49 1.05
N GLU A 99 -15.59 16.78 1.48
CA GLU A 99 -16.18 17.04 2.80
C GLU A 99 -15.19 16.72 3.91
N ILE A 100 -14.48 15.60 3.76
CA ILE A 100 -13.50 15.18 4.75
C ILE A 100 -12.26 16.07 4.74
N ASP A 101 -11.70 16.33 3.57
CA ASP A 101 -10.55 17.25 3.48
C ASP A 101 -10.91 18.59 4.09
N HIS A 102 -12.08 19.11 3.74
CA HIS A 102 -12.49 20.40 4.28
C HIS A 102 -12.68 20.38 5.81
N ALA A 103 -13.27 19.30 6.31
CA ALA A 103 -13.51 19.12 7.75
C ALA A 103 -12.19 19.08 8.53
N LEU A 104 -11.26 18.23 8.08
CA LEU A 104 -9.97 18.10 8.75
C LEU A 104 -9.15 19.38 8.63
N GLN A 105 -9.28 20.09 7.51
CA GLN A 105 -8.63 21.39 7.34
C GLN A 105 -9.13 22.35 8.40
N HIS A 106 -10.45 22.35 8.57
CA HIS A 106 -11.08 23.26 9.51
C HIS A 106 -10.71 22.91 10.95
N ILE A 107 -10.62 21.61 11.24
CA ILE A 107 -10.18 21.15 12.55
C ILE A 107 -8.74 21.59 12.81
N TYR A 108 -7.89 21.43 11.80
CA TYR A 108 -6.50 21.84 11.94
C TYR A 108 -6.40 23.35 12.13
N GLU A 109 -7.15 24.11 11.35
CA GLU A 109 -7.11 25.57 11.50
C GLU A 109 -7.66 26.06 12.84
N THR A 110 -8.66 25.37 13.38
CA THR A 110 -9.35 25.85 14.58
C THR A 110 -8.54 25.59 15.84
N TYR A 111 -7.97 24.39 15.95
CA TYR A 111 -7.32 24.00 17.19
C TYR A 111 -5.81 23.98 17.05
N GLY A 112 -5.32 24.05 15.81
CA GLY A 112 -3.91 23.89 15.53
C GLY A 112 -3.34 22.65 16.23
N ASP A 113 -2.21 22.83 16.90
CA ASP A 113 -1.58 21.75 17.64
C ASP A 113 -2.17 21.58 19.04
N ASN A 114 -3.20 22.36 19.37
CA ASN A 114 -3.66 22.44 20.76
C ASN A 114 -5.00 21.79 21.07
N TRP A 115 -5.34 20.74 20.34
CA TRP A 115 -6.52 19.93 20.68
C TRP A 115 -6.42 19.42 22.11
N SER A 116 -7.52 19.55 22.85
CA SER A 116 -7.57 19.00 24.20
C SER A 116 -9.00 18.58 24.52
N GLY A 117 -9.51 17.60 23.81
CA GLY A 117 -10.86 17.15 24.07
C GLY A 117 -10.92 15.65 24.31
N ALA A 118 -12.14 15.12 24.28
CA ALA A 118 -12.33 13.70 24.04
C ALA A 118 -11.65 13.44 22.69
N ARG A 119 -11.32 12.17 22.47
CA ARG A 119 -10.79 11.70 21.17
C ARG A 119 -9.47 12.39 20.84
N SER A 120 -8.64 12.65 21.85
CA SER A 120 -7.35 13.24 21.59
C SER A 120 -6.45 12.28 20.80
N SER A 121 -6.46 10.99 21.14
CA SER A 121 -5.68 10.01 20.39
C SER A 121 -6.16 9.89 18.93
N LEU A 122 -7.47 9.97 18.75
CA LEU A 122 -8.04 9.89 17.41
C LEU A 122 -7.68 11.14 16.61
N TRP A 123 -7.75 12.29 17.27
CA TRP A 123 -7.41 13.54 16.61
C TRP A 123 -5.99 13.47 16.08
N PHE A 124 -5.08 12.97 16.91
CA PHE A 124 -3.66 12.93 16.57
C PHE A 124 -3.46 12.08 15.31
N ARG A 125 -4.04 10.90 15.29
CA ARG A 125 -3.86 9.98 14.18
C ARG A 125 -4.49 10.48 12.89
N LEU A 126 -5.72 11.00 12.97
CA LEU A 126 -6.39 11.54 11.78
C LEU A 126 -5.67 12.75 11.21
N MET A 127 -5.15 13.60 12.09
CA MET A 127 -4.35 14.74 11.63
C MET A 127 -3.11 14.26 10.86
N ARG A 128 -2.34 13.36 11.45
CA ARG A 128 -1.10 12.89 10.82
C ARG A 128 -1.40 12.10 9.54
N LYS A 129 -2.45 11.32 9.54
CA LYS A 129 -2.86 10.60 8.33
C LYS A 129 -3.15 11.61 7.20
N GLN A 130 -3.67 12.78 7.57
CA GLN A 130 -4.00 13.83 6.60
C GLN A 130 -2.76 14.59 6.16
N GLY A 131 -1.64 14.30 6.81
CA GLY A 131 -0.39 14.96 6.46
C GLY A 131 -0.03 16.11 7.37
N TYR A 132 -0.83 16.38 8.41
CA TYR A 132 -0.49 17.46 9.35
C TYR A 132 0.43 16.93 10.44
N PHE A 133 1.66 17.44 10.49
CA PHE A 133 2.66 16.95 11.43
C PHE A 133 2.40 17.54 12.84
N VAL A 134 1.23 17.21 13.36
CA VAL A 134 0.83 17.55 14.71
C VAL A 134 1.81 16.92 15.71
N THR A 135 2.06 17.57 16.85
CA THR A 135 3.06 17.04 17.78
C THR A 135 2.47 16.09 18.85
N CYS A 136 3.35 15.48 19.64
CA CYS A 136 2.91 14.59 20.71
C CYS A 136 2.45 15.26 21.99
N ASP A 137 2.54 16.60 22.06
CA ASP A 137 2.18 17.34 23.28
C ASP A 137 0.79 16.98 23.78
N VAL A 138 -0.12 16.67 22.85
CA VAL A 138 -1.49 16.37 23.21
C VAL A 138 -1.57 15.19 24.17
N PHE A 139 -0.54 14.34 24.17
CA PHE A 139 -0.55 13.15 25.02
C PHE A 139 -0.06 13.36 26.45
N ASN A 140 0.54 14.52 26.71
CA ASN A 140 1.16 14.74 28.00
C ASN A 140 0.22 14.51 29.18
N ASN A 141 -1.07 14.84 29.03
CA ASN A 141 -2.01 14.60 30.12
C ASN A 141 -2.68 13.22 30.09
N HIS A 142 -2.13 12.31 29.29
CA HIS A 142 -2.47 10.89 29.44
C HIS A 142 -1.67 10.30 30.60
N LYS A 143 -0.68 11.05 31.07
CA LYS A 143 0.18 10.58 32.17
C LYS A 143 -0.05 11.36 33.45
N ASP A 144 0.19 10.68 34.57
CA ASP A 144 0.22 11.27 35.91
C ASP A 144 1.18 12.42 36.07
N GLU A 145 1.14 13.05 37.24
CA GLU A 145 2.19 13.96 37.67
C GLU A 145 3.49 13.18 37.81
N SER A 146 3.37 11.88 38.11
CA SER A 146 4.49 10.95 38.24
C SER A 146 5.04 10.51 36.88
N GLY A 147 4.29 10.78 35.83
CA GLY A 147 4.68 10.38 34.49
C GLY A 147 4.26 8.96 34.17
N VAL A 148 3.39 8.36 34.98
CA VAL A 148 2.85 7.05 34.62
C VAL A 148 1.43 7.17 34.07
N PHE A 149 1.12 6.36 33.06
CA PHE A 149 -0.16 6.47 32.37
C PHE A 149 -1.30 6.35 33.39
N LYS A 150 -2.31 7.19 33.24
CA LYS A 150 -3.42 7.25 34.19
C LYS A 150 -4.14 5.93 34.30
N GLN A 151 -4.56 5.59 35.52
CA GLN A 151 -5.30 4.35 35.77
C GLN A 151 -6.61 4.28 34.99
N SER A 152 -7.22 5.44 34.77
CA SER A 152 -8.51 5.53 34.06
C SER A 152 -8.43 5.14 32.57
N LEU A 153 -7.23 5.18 32.00
CA LEU A 153 -7.03 4.79 30.61
C LEU A 153 -7.33 3.32 30.40
N LYS A 154 -6.81 2.48 31.31
CA LYS A 154 -6.90 1.04 31.18
C LYS A 154 -8.34 0.58 31.37
N ASN A 155 -9.12 1.38 32.08
CA ASN A 155 -10.51 1.03 32.32
C ASN A 155 -11.43 1.65 31.27
N HIS A 156 -10.91 1.74 30.05
CA HIS A 156 -11.69 2.19 28.90
C HIS A 156 -11.10 1.64 27.61
N VAL A 157 -11.63 0.51 27.15
CA VAL A 157 -11.09 -0.19 26.00
C VAL A 157 -11.00 0.68 24.75
N GLU A 158 -12.08 1.38 24.42
CA GLU A 158 -12.08 2.17 23.19
C GLU A 158 -10.99 3.24 23.19
N GLY A 159 -10.74 3.86 24.34
CA GLY A 159 -9.70 4.85 24.47
C GLY A 159 -8.33 4.22 24.37
N LEU A 160 -8.16 3.04 24.96
CA LEU A 160 -6.88 2.34 24.95
C LEU A 160 -6.53 1.99 23.52
N LEU A 161 -7.52 1.47 22.81
CA LEU A 161 -7.36 1.13 21.40
C LEU A 161 -7.04 2.34 20.54
N GLU A 162 -7.71 3.48 20.79
CA GLU A 162 -7.41 4.69 20.02
C GLU A 162 -5.97 5.12 20.24
N LEU A 163 -5.48 4.96 21.46
CA LEU A 163 -4.11 5.36 21.78
C LEU A 163 -3.12 4.44 21.10
N TYR A 164 -3.40 3.14 21.15
CA TYR A 164 -2.57 2.16 20.47
C TYR A 164 -2.45 2.51 18.97
N GLU A 165 -3.59 2.77 18.34
CA GLU A 165 -3.57 3.08 16.91
C GLU A 165 -2.75 4.34 16.63
N ALA A 166 -2.86 5.34 17.50
CA ALA A 166 -2.06 6.58 17.34
C ALA A 166 -0.54 6.32 17.32
N THR A 167 -0.10 5.34 18.11
CA THR A 167 1.34 5.04 18.23
C THR A 167 1.93 4.64 16.88
N SER A 168 1.11 4.06 16.01
CA SER A 168 1.59 3.65 14.68
C SER A 168 2.05 4.81 13.80
N MET A 169 1.63 6.03 14.14
CA MET A 169 1.98 7.21 13.35
C MET A 169 3.23 7.89 13.87
N ARG A 170 3.91 7.27 14.82
CA ARG A 170 5.03 7.95 15.47
C ARG A 170 6.25 8.02 14.55
N VAL A 171 7.07 9.04 14.77
CA VAL A 171 8.35 9.18 14.09
C VAL A 171 9.48 8.87 15.09
N PRO A 172 10.74 8.85 14.64
CA PRO A 172 11.79 8.50 15.61
C PRO A 172 11.92 9.53 16.72
N GLY A 173 12.13 9.06 17.94
CA GLY A 173 12.41 9.93 19.07
C GLY A 173 11.19 10.35 19.87
N GLU A 174 10.00 9.88 19.48
CA GLU A 174 8.80 10.25 20.22
C GLU A 174 8.54 9.27 21.38
N ILE A 175 9.21 9.54 22.50
CA ILE A 175 9.25 8.61 23.60
C ILE A 175 7.88 8.38 24.22
N ILE A 176 7.05 9.42 24.24
CA ILE A 176 5.73 9.25 24.84
C ILE A 176 4.90 8.20 24.08
N LEU A 177 5.11 8.11 22.76
CA LEU A 177 4.41 7.08 21.98
C LEU A 177 5.11 5.71 21.99
N GLU A 178 6.44 5.69 22.10
CA GLU A 178 7.10 4.42 22.40
C GLU A 178 6.54 3.86 23.72
N ASP A 179 6.47 4.72 24.73
CA ASP A 179 5.91 4.33 26.02
C ASP A 179 4.46 3.88 25.88
N ALA A 180 3.68 4.65 25.12
CA ALA A 180 2.26 4.33 24.97
C ALA A 180 2.05 3.00 24.26
N LEU A 181 2.98 2.66 23.37
CA LEU A 181 2.86 1.41 22.62
C LEU A 181 3.04 0.22 23.55
N VAL A 182 4.05 0.31 24.42
CA VAL A 182 4.30 -0.75 25.39
C VAL A 182 3.12 -0.90 26.36
N PHE A 183 2.62 0.23 26.83
CA PHE A 183 1.50 0.26 27.79
C PHE A 183 0.22 -0.35 27.19
N THR A 184 -0.20 0.17 26.04
CA THR A 184 -1.43 -0.32 25.41
C THR A 184 -1.33 -1.77 24.99
N GLN A 185 -0.19 -2.17 24.43
CA GLN A 185 0.03 -3.58 24.03
C GLN A 185 -0.16 -4.52 25.19
N SER A 186 0.40 -4.18 26.34
CA SER A 186 0.33 -5.08 27.49
C SER A 186 -1.08 -5.13 28.04
N HIS A 187 -1.72 -3.96 28.13
CA HIS A 187 -3.08 -3.94 28.67
C HIS A 187 -4.11 -4.51 27.70
N LEU A 188 -4.00 -4.14 26.42
CA LEU A 188 -4.92 -4.67 25.41
C LEU A 188 -4.85 -6.19 25.26
N SER A 189 -3.64 -6.75 25.33
CA SER A 189 -3.44 -8.20 25.27
C SER A 189 -4.25 -8.92 26.33
N ILE A 190 -4.16 -8.40 27.56
CA ILE A 190 -4.85 -8.99 28.71
C ILE A 190 -6.36 -8.82 28.57
N ILE A 191 -6.80 -7.62 28.19
CA ILE A 191 -8.23 -7.36 28.08
C ILE A 191 -8.86 -8.27 27.03
N ALA A 192 -8.19 -8.43 25.89
CA ALA A 192 -8.72 -9.27 24.83
C ALA A 192 -8.92 -10.70 25.31
N LYS A 193 -8.02 -11.19 26.14
CA LYS A 193 -8.21 -12.52 26.72
C LYS A 193 -9.34 -12.55 27.76
N ASP A 194 -9.39 -11.53 28.62
CA ASP A 194 -10.40 -11.47 29.66
C ASP A 194 -11.82 -11.25 29.09
N THR A 195 -11.90 -10.65 27.91
CA THR A 195 -13.22 -10.32 27.35
C THR A 195 -13.74 -11.37 26.37
N LEU A 196 -12.97 -12.43 26.16
CA LEU A 196 -13.39 -13.47 25.21
C LEU A 196 -14.78 -13.99 25.54
N SER A 197 -15.01 -14.31 26.81
CA SER A 197 -16.30 -14.85 27.23
C SER A 197 -17.35 -13.77 27.54
N ILE A 198 -16.96 -12.51 27.45
CA ILE A 198 -17.84 -11.40 27.80
C ILE A 198 -18.34 -10.72 26.53
N ASN A 199 -17.40 -10.43 25.63
CA ASN A 199 -17.71 -9.87 24.32
C ASN A 199 -16.70 -10.37 23.28
N PRO A 200 -17.00 -11.51 22.65
CA PRO A 200 -16.07 -12.16 21.71
C PRO A 200 -15.68 -11.27 20.53
N ALA A 201 -16.65 -10.56 19.96
CA ALA A 201 -16.39 -9.68 18.83
C ALA A 201 -15.37 -8.59 19.21
N LEU A 202 -15.44 -8.13 20.45
CA LEU A 202 -14.54 -7.07 20.90
C LEU A 202 -13.13 -7.64 21.07
N SER A 203 -13.04 -8.85 21.62
CA SER A 203 -11.76 -9.55 21.72
C SER A 203 -11.11 -9.64 20.36
N THR A 204 -11.91 -10.03 19.37
CA THR A 204 -11.44 -10.15 17.99
C THR A 204 -10.95 -8.81 17.46
N GLU A 205 -11.69 -7.75 17.70
CA GLU A 205 -11.30 -6.44 17.22
C GLU A 205 -10.00 -5.93 17.86
N ILE A 206 -9.83 -6.17 19.16
CA ILE A 206 -8.56 -5.85 19.82
C ILE A 206 -7.42 -6.72 19.23
N GLN A 207 -7.65 -8.00 19.06
CA GLN A 207 -6.58 -8.89 18.61
C GLN A 207 -6.18 -8.61 17.15
N ARG A 208 -7.13 -8.18 16.31
CA ARG A 208 -6.72 -7.83 14.95
C ARG A 208 -5.82 -6.59 14.96
N ALA A 209 -6.18 -5.60 15.79
CA ALA A 209 -5.36 -4.40 15.92
C ALA A 209 -3.95 -4.73 16.42
N LEU A 210 -3.87 -5.60 17.42
CA LEU A 210 -2.57 -6.03 17.96
C LEU A 210 -1.73 -6.78 16.92
N LYS A 211 -2.38 -7.57 16.07
CA LYS A 211 -1.69 -8.29 14.98
C LYS A 211 -1.13 -7.30 13.94
N LYS A 212 -1.88 -6.27 13.60
CA LYS A 212 -1.40 -5.25 12.67
C LYS A 212 -2.17 -3.96 12.90
N PRO A 213 -1.45 -2.88 13.20
CA PRO A 213 -2.21 -1.66 13.46
C PRO A 213 -2.86 -1.10 12.21
N LEU A 214 -3.90 -0.29 12.42
CA LEU A 214 -4.72 0.29 11.37
C LEU A 214 -3.91 1.00 10.27
N TRP A 215 -2.92 1.78 10.71
CA TRP A 215 -2.09 2.57 9.78
C TRP A 215 -1.34 1.68 8.80
N LYS A 216 -0.92 0.50 9.25
CA LYS A 216 -0.17 -0.41 8.40
C LYS A 216 -1.03 -1.27 7.47
N ARG A 217 -2.31 -1.44 7.81
CA ARG A 217 -3.23 -2.22 6.98
C ARG A 217 -3.73 -1.36 5.81
N LEU A 218 -3.73 -1.94 4.61
CA LEU A 218 -4.22 -1.24 3.42
C LEU A 218 -5.70 -0.89 3.66
N PRO A 219 -6.13 0.31 3.26
CA PRO A 219 -7.50 0.76 3.53
C PRO A 219 -8.61 -0.16 3.01
N ARG A 220 -8.45 -0.77 1.84
CA ARG A 220 -9.50 -1.67 1.33
C ARG A 220 -9.57 -2.95 2.16
N ILE A 221 -8.43 -3.39 2.66
CA ILE A 221 -8.42 -4.58 3.53
C ILE A 221 -9.04 -4.22 4.89
N GLU A 222 -8.79 -3.02 5.39
CA GLU A 222 -9.45 -2.59 6.64
C GLU A 222 -10.98 -2.57 6.48
N ALA A 223 -11.45 -2.07 5.35
CA ALA A 223 -12.88 -1.98 5.13
C ALA A 223 -13.56 -3.34 5.20
N VAL A 224 -12.98 -4.33 4.53
CA VAL A 224 -13.58 -5.68 4.56
C VAL A 224 -13.66 -6.21 5.98
N GLN A 225 -12.72 -5.85 6.84
CA GLN A 225 -12.73 -6.34 8.22
C GLN A 225 -13.55 -5.43 9.13
N TYR A 226 -13.53 -4.13 8.87
CA TYR A 226 -14.21 -3.20 9.78
C TYR A 226 -15.72 -3.20 9.59
N ILE A 227 -16.17 -3.41 8.36
CA ILE A 227 -17.58 -3.39 8.06
C ILE A 227 -18.40 -4.31 8.97
N PRO A 228 -18.03 -5.61 9.06
CA PRO A 228 -18.83 -6.48 9.95
C PRO A 228 -18.70 -6.12 11.42
N PHE A 229 -17.52 -5.70 11.87
CA PHE A 229 -17.39 -5.29 13.26
C PHE A 229 -18.32 -4.09 13.52
N TYR A 230 -18.32 -3.13 12.60
CA TYR A 230 -19.13 -1.92 12.81
C TYR A 230 -20.62 -2.29 12.85
N GLU A 231 -21.02 -3.17 11.94
CA GLU A 231 -22.42 -3.50 11.76
C GLU A 231 -22.98 -4.14 13.03
N GLN A 232 -22.12 -4.80 13.79
CA GLN A 232 -22.55 -5.50 15.00
C GLN A 232 -22.42 -4.66 16.27
N GLN A 233 -21.85 -3.47 16.16
CA GLN A 233 -21.75 -2.58 17.30
C GLN A 233 -23.11 -1.99 17.66
N ASP A 234 -23.46 -2.04 18.95
CA ASP A 234 -24.78 -1.59 19.41
C ASP A 234 -25.21 -0.20 18.91
N SER A 235 -24.31 0.77 19.00
CA SER A 235 -24.65 2.16 18.71
C SER A 235 -24.34 2.59 17.28
N HIS A 236 -24.16 1.64 16.37
CA HIS A 236 -23.61 1.99 15.05
C HIS A 236 -24.64 2.75 14.22
N ASN A 237 -24.16 3.56 13.28
CA ASN A 237 -25.05 4.36 12.45
C ASN A 237 -25.61 3.50 11.31
N LYS A 238 -26.92 3.32 11.30
CA LYS A 238 -27.54 2.42 10.34
C LYS A 238 -27.40 2.93 8.92
N THR A 239 -27.37 4.25 8.76
CA THR A 239 -27.19 4.81 7.42
C THR A 239 -25.80 4.56 6.89
N LEU A 240 -24.78 4.78 7.71
CA LEU A 240 -23.41 4.55 7.26
C LEU A 240 -23.16 3.11 6.86
N ILE A 241 -23.64 2.17 7.67
CA ILE A 241 -23.35 0.76 7.39
C ILE A 241 -24.09 0.31 6.13
N LYS A 242 -25.31 0.82 5.93
CA LYS A 242 -26.05 0.46 4.73
C LYS A 242 -25.31 0.92 3.48
N LEU A 243 -24.86 2.17 3.52
CA LEU A 243 -24.11 2.76 2.43
C LEU A 243 -22.77 2.05 2.21
N ALA A 244 -22.07 1.77 3.30
CA ALA A 244 -20.75 1.13 3.18
C ALA A 244 -20.83 -0.23 2.50
N LYS A 245 -21.88 -0.98 2.77
CA LYS A 245 -21.98 -2.33 2.21
C LYS A 245 -22.40 -2.29 0.75
N LEU A 246 -23.34 -1.40 0.42
CA LEU A 246 -23.80 -1.23 -0.96
C LEU A 246 -22.61 -0.78 -1.82
N GLU A 247 -21.86 0.16 -1.30
CA GLU A 247 -20.71 0.72 -2.01
C GLU A 247 -19.59 -0.30 -2.10
N PHE A 248 -19.39 -1.09 -1.04
CA PHE A 248 -18.35 -2.10 -1.10
C PHE A 248 -18.60 -2.99 -2.27
N ASN A 249 -19.84 -3.42 -2.43
CA ASN A 249 -20.18 -4.37 -3.50
C ASN A 249 -20.08 -3.74 -4.88
N LEU A 250 -20.51 -2.49 -5.00
CA LEU A 250 -20.38 -1.76 -6.28
C LEU A 250 -18.92 -1.63 -6.68
N LEU A 251 -18.07 -1.23 -5.74
CA LEU A 251 -16.66 -1.04 -6.07
C LEU A 251 -15.99 -2.39 -6.33
N GLN A 252 -16.38 -3.42 -5.59
CA GLN A 252 -15.88 -4.76 -5.90
C GLN A 252 -16.21 -5.18 -7.33
N SER A 253 -17.41 -4.83 -7.80
CA SER A 253 -17.77 -5.16 -9.19
C SER A 253 -16.82 -4.46 -10.17
N LEU A 254 -16.46 -3.22 -9.86
CA LEU A 254 -15.54 -2.47 -10.72
C LEU A 254 -14.17 -3.14 -10.73
N HIS A 255 -13.70 -3.53 -9.55
CA HIS A 255 -12.41 -4.24 -9.46
C HIS A 255 -12.45 -5.51 -10.27
N ARG A 256 -13.58 -6.21 -10.21
CA ARG A 256 -13.72 -7.43 -10.97
C ARG A 256 -13.70 -7.17 -12.47
N GLU A 257 -14.29 -6.04 -12.90
CA GLU A 257 -14.23 -5.64 -14.31
C GLU A 257 -12.80 -5.38 -14.77
N GLU A 258 -12.03 -4.67 -13.94
CA GLU A 258 -10.63 -4.37 -14.22
C GLU A 258 -9.80 -5.65 -14.35
N LEU A 259 -10.00 -6.58 -13.42
CA LEU A 259 -9.26 -7.83 -13.41
C LEU A 259 -9.67 -8.70 -14.60
N SER A 260 -10.93 -8.61 -15.00
CA SER A 260 -11.39 -9.28 -16.21
C SER A 260 -10.67 -8.75 -17.46
N GLN A 261 -10.56 -7.43 -17.56
CA GLN A 261 -9.85 -6.80 -18.68
C GLN A 261 -8.37 -7.18 -18.64
N LEU A 262 -7.77 -7.17 -17.46
CA LEU A 262 -6.37 -7.57 -17.33
C LEU A 262 -6.16 -9.04 -17.63
N SER A 263 -7.13 -9.87 -17.28
CA SER A 263 -7.05 -11.30 -17.51
C SER A 263 -7.07 -11.59 -18.99
N LYS A 264 -7.88 -10.84 -19.75
CA LYS A 264 -7.97 -11.05 -21.20
C LYS A 264 -6.67 -10.63 -21.89
N TRP A 265 -6.19 -9.45 -21.53
CA TRP A 265 -4.89 -8.94 -21.98
C TRP A 265 -3.78 -9.95 -21.74
N TRP A 266 -3.71 -10.47 -20.52
CA TRP A 266 -2.67 -11.42 -20.13
C TRP A 266 -2.80 -12.73 -20.89
N LYS A 267 -4.03 -13.22 -21.00
CA LYS A 267 -4.28 -14.47 -21.70
C LYS A 267 -3.88 -14.35 -23.18
N ALA A 268 -4.01 -13.16 -23.75
CA ALA A 268 -3.65 -12.98 -25.15
C ALA A 268 -2.15 -13.16 -25.32
N PHE A 269 -1.40 -12.71 -24.32
CA PHE A 269 0.05 -12.80 -24.37
C PHE A 269 0.54 -14.25 -24.40
N ASP A 270 -0.27 -15.15 -23.85
CA ASP A 270 0.00 -16.59 -23.92
C ASP A 270 1.36 -16.89 -23.32
N VAL A 271 1.49 -16.63 -22.03
CA VAL A 271 2.77 -16.66 -21.33
C VAL A 271 3.46 -18.02 -21.32
N LYS A 272 2.68 -19.09 -21.24
CA LYS A 272 3.28 -20.42 -21.14
C LYS A 272 4.02 -20.76 -22.44
N ASN A 273 3.60 -20.15 -23.54
CA ASN A 273 4.30 -20.32 -24.81
C ASN A 273 5.32 -19.22 -25.11
N ASN A 274 5.00 -17.99 -24.76
CA ASN A 274 5.82 -16.85 -25.16
C ASN A 274 6.83 -16.40 -24.11
N ALA A 275 6.72 -16.96 -22.90
CA ALA A 275 7.70 -16.72 -21.85
C ALA A 275 7.70 -17.89 -20.85
N PRO A 276 8.11 -19.07 -21.29
CA PRO A 276 7.95 -20.26 -20.43
C PRO A 276 8.90 -20.24 -19.23
N TYR A 277 9.90 -19.37 -19.28
CA TYR A 277 10.81 -19.16 -18.17
C TYR A 277 10.12 -18.42 -17.00
N SER A 278 9.05 -17.71 -17.29
CA SER A 278 8.42 -16.86 -16.26
C SER A 278 7.11 -17.41 -15.68
N ARG A 279 6.43 -16.55 -14.91
CA ARG A 279 5.28 -16.95 -14.11
C ARG A 279 3.95 -16.49 -14.70
N ASP A 280 2.89 -17.23 -14.40
CA ASP A 280 1.53 -16.84 -14.76
C ASP A 280 0.86 -16.24 -13.52
N ARG A 281 1.01 -14.93 -13.34
CA ARG A 281 0.62 -14.27 -12.09
C ARG A 281 -0.18 -12.97 -12.27
N ILE A 282 -1.09 -12.94 -13.22
CA ILE A 282 -1.79 -11.67 -13.46
C ILE A 282 -2.64 -11.22 -12.25
N VAL A 283 -3.21 -12.19 -11.52
CA VAL A 283 -4.06 -11.85 -10.37
C VAL A 283 -3.20 -11.18 -9.32
N GLU A 284 -2.01 -11.73 -9.12
CA GLU A 284 -1.02 -11.19 -8.20
C GLU A 284 -0.53 -9.78 -8.58
N CYS A 285 -0.35 -9.52 -9.87
CA CYS A 285 0.08 -8.18 -10.28
C CYS A 285 -1.04 -7.19 -10.03
N TYR A 286 -2.27 -7.61 -10.33
CA TYR A 286 -3.42 -6.75 -10.09
C TYR A 286 -3.60 -6.42 -8.59
N PHE A 287 -3.41 -7.41 -7.73
CA PHE A 287 -3.62 -7.21 -6.29
C PHE A 287 -2.63 -6.18 -5.78
N TRP A 288 -1.41 -6.24 -6.28
CA TRP A 288 -0.40 -5.25 -5.95
C TRP A 288 -0.82 -3.85 -6.46
N ALA A 289 -1.28 -3.79 -7.71
CA ALA A 289 -1.74 -2.50 -8.25
C ALA A 289 -2.92 -1.99 -7.43
N LEU A 290 -3.78 -2.92 -7.01
CA LEU A 290 -4.98 -2.59 -6.26
C LEU A 290 -4.63 -1.93 -4.92
N ALA A 291 -3.43 -2.21 -4.43
CA ALA A 291 -2.97 -1.61 -3.17
C ALA A 291 -2.63 -0.13 -3.29
N SER A 292 -2.13 0.29 -4.44
CA SER A 292 -1.69 1.68 -4.61
C SER A 292 -2.83 2.64 -4.32
N ARG A 293 -3.92 2.49 -5.07
CA ARG A 293 -5.16 3.24 -4.81
C ARG A 293 -6.33 2.34 -5.20
N PHE A 294 -7.30 2.16 -4.32
CA PHE A 294 -8.40 1.24 -4.63
C PHE A 294 -9.63 1.98 -5.16
N GLU A 295 -9.61 3.31 -5.04
CA GLU A 295 -10.80 4.11 -5.31
C GLU A 295 -11.21 4.12 -6.79
N PRO A 296 -12.52 4.29 -7.05
CA PRO A 296 -13.03 4.18 -8.42
C PRO A 296 -12.37 5.16 -9.37
N GLN A 297 -11.99 6.33 -8.89
CA GLN A 297 -11.40 7.36 -9.72
C GLN A 297 -10.09 6.89 -10.37
N TYR A 298 -9.43 5.93 -9.74
CA TYR A 298 -8.12 5.47 -10.19
C TYR A 298 -8.09 4.15 -10.98
N SER A 299 -9.21 3.80 -11.58
CA SER A 299 -9.34 2.61 -12.41
C SER A 299 -8.30 2.49 -13.54
N ARG A 300 -8.15 3.54 -14.34
CA ARG A 300 -7.17 3.49 -15.43
C ARG A 300 -5.76 3.33 -14.90
N ALA A 301 -5.47 4.04 -13.81
CA ALA A 301 -4.14 3.94 -13.20
C ALA A 301 -3.84 2.54 -12.69
N ARG A 302 -4.83 1.90 -12.05
CA ARG A 302 -4.63 0.52 -11.58
C ARG A 302 -4.35 -0.46 -12.71
N ILE A 303 -5.10 -0.32 -13.80
CA ILE A 303 -4.95 -1.27 -14.91
C ILE A 303 -3.57 -1.12 -15.52
N PHE A 304 -3.12 0.12 -15.73
CA PHE A 304 -1.80 0.34 -16.31
C PHE A 304 -0.70 -0.16 -15.38
N LEU A 305 -0.85 0.11 -14.09
CA LEU A 305 0.15 -0.28 -13.11
C LEU A 305 0.26 -1.80 -13.05
N ALA A 306 -0.88 -2.47 -13.12
CA ALA A 306 -0.88 -3.93 -13.12
C ALA A 306 -0.10 -4.46 -14.33
N LYS A 307 -0.32 -3.85 -15.50
CA LYS A 307 0.44 -4.26 -16.70
C LYS A 307 1.94 -4.05 -16.52
N VAL A 308 2.32 -2.90 -15.96
CA VAL A 308 3.73 -2.62 -15.76
C VAL A 308 4.33 -3.61 -14.76
N ILE A 309 3.59 -3.94 -13.71
CA ILE A 309 4.07 -4.95 -12.76
C ILE A 309 4.23 -6.33 -13.43
N ALA A 310 3.30 -6.68 -14.33
CA ALA A 310 3.45 -7.92 -15.09
C ALA A 310 4.70 -7.86 -15.96
N LEU A 311 5.00 -6.69 -16.51
CA LEU A 311 6.19 -6.54 -17.38
C LEU A 311 7.50 -6.62 -16.59
N VAL A 312 7.48 -6.04 -15.39
CA VAL A 312 8.61 -6.08 -14.47
C VAL A 312 8.90 -7.51 -14.05
N THR A 313 7.83 -8.25 -13.73
CA THR A 313 7.94 -9.64 -13.36
C THR A 313 8.62 -10.44 -14.48
N LEU A 314 8.19 -10.22 -15.72
CA LEU A 314 8.79 -10.91 -16.87
C LEU A 314 10.25 -10.55 -16.99
N ILE A 315 10.54 -9.24 -17.01
CA ILE A 315 11.89 -8.75 -17.23
C ILE A 315 12.84 -9.23 -16.11
N ASP A 316 12.37 -9.19 -14.86
CA ASP A 316 13.17 -9.71 -13.75
C ASP A 316 13.51 -11.19 -13.93
N ASP A 317 12.54 -11.94 -14.44
CA ASP A 317 12.72 -13.37 -14.65
C ASP A 317 13.67 -13.69 -15.80
N ILE A 318 13.96 -12.70 -16.64
CA ILE A 318 14.98 -12.85 -17.68
C ILE A 318 16.35 -12.50 -17.12
N TYR A 319 16.40 -11.46 -16.30
CA TYR A 319 17.68 -11.01 -15.77
C TYR A 319 18.19 -11.86 -14.62
N ASP A 320 17.27 -12.41 -13.83
CA ASP A 320 17.69 -13.17 -12.65
C ASP A 320 18.43 -14.44 -13.06
N ALA A 321 17.70 -15.41 -13.57
CA ALA A 321 18.32 -16.66 -14.01
C ALA A 321 18.57 -16.63 -15.51
N TYR A 322 17.49 -16.76 -16.27
CA TYR A 322 17.48 -17.05 -17.70
C TYR A 322 18.59 -16.50 -18.62
N GLY A 323 18.67 -15.19 -18.78
CA GLY A 323 19.55 -14.61 -19.80
C GLY A 323 21.04 -14.69 -19.51
N THR A 324 21.81 -15.06 -20.54
CA THR A 324 23.26 -14.98 -20.49
C THR A 324 23.68 -13.52 -20.54
N TYR A 325 24.91 -13.23 -20.12
CA TYR A 325 25.41 -11.86 -20.11
C TYR A 325 25.27 -11.12 -21.46
N GLU A 326 25.66 -11.79 -22.55
CA GLU A 326 25.61 -11.16 -23.86
C GLU A 326 24.17 -10.85 -24.28
N GLU A 327 23.25 -11.74 -23.90
CA GLU A 327 21.83 -11.56 -24.22
C GLU A 327 21.27 -10.36 -23.45
N LEU A 328 21.60 -10.30 -22.16
CA LEU A 328 21.16 -9.20 -21.32
C LEU A 328 21.70 -7.85 -21.78
N LYS A 329 22.96 -7.83 -22.21
CA LYS A 329 23.59 -6.63 -22.75
C LYS A 329 22.81 -6.09 -23.95
N ILE A 330 22.45 -6.99 -24.88
CA ILE A 330 21.67 -6.62 -26.05
C ILE A 330 20.26 -6.14 -25.67
N PHE A 331 19.61 -6.84 -24.76
CA PHE A 331 18.25 -6.46 -24.35
C PHE A 331 18.25 -5.05 -23.72
N THR A 332 19.26 -4.77 -22.91
CA THR A 332 19.41 -3.46 -22.27
C THR A 332 19.53 -2.32 -23.29
N GLU A 333 20.31 -2.53 -24.35
CA GLU A 333 20.45 -1.50 -25.37
C GLU A 333 19.14 -1.32 -26.14
N ALA A 334 18.45 -2.43 -26.39
CA ALA A 334 17.14 -2.37 -27.01
C ALA A 334 16.16 -1.56 -26.16
N ILE A 335 16.27 -1.67 -24.84
CA ILE A 335 15.41 -0.89 -23.96
C ILE A 335 15.80 0.59 -24.04
N GLU A 336 17.11 0.86 -24.07
CA GLU A 336 17.61 2.22 -24.25
C GLU A 336 17.12 2.81 -25.55
N ARG A 337 17.07 1.98 -26.60
CA ARG A 337 16.64 2.42 -27.92
C ARG A 337 15.14 2.72 -27.95
N TRP A 338 14.36 1.91 -27.23
CA TRP A 338 12.92 2.15 -27.05
C TRP A 338 12.26 2.36 -28.41
N SER A 339 12.29 1.33 -29.25
CA SER A 339 11.64 1.39 -30.55
C SER A 339 11.46 -0.01 -31.11
N ILE A 340 10.29 -0.25 -31.69
CA ILE A 340 9.99 -1.56 -32.25
C ILE A 340 10.90 -1.90 -33.43
N THR A 341 11.51 -0.87 -34.03
CA THR A 341 12.35 -1.08 -35.20
C THR A 341 13.61 -1.87 -34.90
N CYS A 342 14.05 -1.87 -33.64
CA CYS A 342 15.23 -2.66 -33.29
C CYS A 342 14.87 -4.08 -32.83
N LEU A 343 13.68 -4.56 -33.22
CA LEU A 343 13.23 -5.91 -32.88
C LEU A 343 14.17 -6.96 -33.48
N ASP A 344 14.79 -6.60 -34.60
CA ASP A 344 15.71 -7.51 -35.30
C ASP A 344 17.06 -7.65 -34.61
N MET A 345 17.36 -6.74 -33.70
CA MET A 345 18.66 -6.77 -33.05
C MET A 345 18.64 -7.65 -31.80
N ILE A 346 17.48 -8.26 -31.54
CA ILE A 346 17.20 -8.90 -30.25
C ILE A 346 17.13 -10.43 -30.32
N PRO A 347 17.75 -11.12 -29.32
CA PRO A 347 17.65 -12.58 -29.19
C PRO A 347 16.21 -13.10 -29.31
N GLU A 348 16.04 -14.18 -30.08
CA GLU A 348 14.70 -14.70 -30.44
C GLU A 348 13.71 -14.81 -29.29
N TYR A 349 14.10 -15.45 -28.20
CA TYR A 349 13.18 -15.62 -27.06
C TYR A 349 12.76 -14.31 -26.39
N MET A 350 13.50 -13.24 -26.65
CA MET A 350 13.19 -11.95 -26.00
C MET A 350 12.23 -11.11 -26.85
N LYS A 351 11.97 -11.56 -28.07
CA LYS A 351 11.09 -10.81 -28.97
C LYS A 351 9.65 -10.61 -28.44
N PRO A 352 8.99 -11.68 -27.96
CA PRO A 352 7.59 -11.45 -27.53
C PRO A 352 7.48 -10.45 -26.38
N ILE A 353 8.48 -10.45 -25.50
CA ILE A 353 8.40 -9.60 -24.31
C ILE A 353 8.70 -8.17 -24.72
N TYR A 354 9.61 -7.99 -25.68
CA TYR A 354 9.92 -6.65 -26.15
C TYR A 354 8.69 -6.07 -26.82
N LYS A 355 8.00 -6.89 -27.59
CA LYS A 355 6.75 -6.50 -28.26
C LYS A 355 5.64 -6.13 -27.29
N LEU A 356 5.42 -6.97 -26.28
CA LEU A 356 4.40 -6.67 -25.26
C LEU A 356 4.74 -5.37 -24.55
N PHE A 357 6.01 -5.22 -24.20
CA PHE A 357 6.51 -4.03 -23.52
C PHE A 357 6.30 -2.78 -24.39
N MET A 358 6.74 -2.83 -25.64
CA MET A 358 6.65 -1.66 -26.51
C MET A 358 5.19 -1.29 -26.80
N ASP A 359 4.34 -2.29 -27.03
CA ASP A 359 2.91 -2.06 -27.27
C ASP A 359 2.26 -1.44 -26.05
N THR A 360 2.66 -1.89 -24.87
CA THR A 360 2.05 -1.40 -23.64
C THR A 360 2.42 0.07 -23.39
N TYR A 361 3.72 0.38 -23.49
CA TYR A 361 4.14 1.76 -23.29
C TYR A 361 3.71 2.69 -24.41
N THR A 362 3.69 2.18 -25.65
CA THR A 362 3.28 3.01 -26.78
C THR A 362 1.81 3.42 -26.66
N GLU A 363 0.97 2.50 -26.19
CA GLU A 363 -0.43 2.86 -25.97
C GLU A 363 -0.56 4.00 -24.95
N MET A 364 0.26 3.96 -23.90
CA MET A 364 0.21 5.00 -22.86
C MET A 364 0.81 6.32 -23.37
N GLU A 365 1.86 6.20 -24.17
CA GLU A 365 2.52 7.37 -24.76
C GLU A 365 1.54 8.12 -25.65
N GLU A 366 0.71 7.37 -26.39
CA GLU A 366 -0.28 7.97 -27.29
C GLU A 366 -1.40 8.63 -26.49
N ILE A 367 -1.81 7.97 -25.41
CA ILE A 367 -2.83 8.54 -24.52
C ILE A 367 -2.36 9.86 -23.91
N LEU A 368 -1.12 9.87 -23.41
CA LEU A 368 -0.57 11.08 -22.81
C LEU A 368 -0.30 12.19 -23.83
N ALA A 369 0.19 11.83 -25.01
CA ALA A 369 0.42 12.83 -26.06
C ALA A 369 -0.88 13.56 -26.43
N LYS A 370 -2.00 12.82 -26.42
CA LYS A 370 -3.29 13.40 -26.77
C LYS A 370 -3.73 14.41 -25.69
N GLU A 371 -3.48 14.07 -24.42
CA GLU A 371 -3.75 14.96 -23.30
C GLU A 371 -2.73 16.09 -23.17
N GLY A 372 -1.77 16.12 -24.09
CA GLY A 372 -0.73 17.14 -24.09
C GLY A 372 0.33 16.90 -23.02
N LYS A 373 0.51 15.64 -22.62
CA LYS A 373 1.42 15.34 -21.52
C LYS A 373 2.58 14.45 -21.91
N THR A 374 3.13 14.70 -23.08
CA THR A 374 4.28 13.96 -23.59
C THR A 374 5.49 14.12 -22.67
N ASN A 375 5.63 15.30 -22.07
CA ASN A 375 6.76 15.54 -21.16
C ASN A 375 6.68 14.66 -19.93
N ILE A 376 5.46 14.43 -19.44
CA ILE A 376 5.25 13.52 -18.33
C ILE A 376 5.52 12.08 -18.79
N PHE A 377 5.13 11.73 -20.00
CA PHE A 377 5.47 10.39 -20.47
C PHE A 377 6.99 10.20 -20.55
N ASN A 378 7.68 11.20 -21.09
CA ASN A 378 9.12 11.06 -21.31
C ASN A 378 9.88 11.01 -19.99
N CYS A 379 9.39 11.75 -19.00
CA CYS A 379 9.97 11.64 -17.66
C CYS A 379 9.80 10.22 -17.12
N GLY A 380 8.59 9.68 -17.21
CA GLY A 380 8.33 8.30 -16.79
C GLY A 380 9.20 7.29 -17.51
N LYS A 381 9.32 7.45 -18.83
CA LYS A 381 10.06 6.49 -19.65
C LYS A 381 11.49 6.29 -19.17
N GLU A 382 12.14 7.37 -18.79
CA GLU A 382 13.54 7.30 -18.35
C GLU A 382 13.67 6.45 -17.08
N PHE A 383 12.66 6.48 -16.23
CA PHE A 383 12.68 5.63 -15.03
C PHE A 383 12.59 4.16 -15.39
N VAL A 384 11.88 3.86 -16.48
CA VAL A 384 11.77 2.49 -16.94
C VAL A 384 13.13 2.04 -17.47
N LYS A 385 13.76 2.89 -18.26
CA LYS A 385 15.10 2.58 -18.77
C LYS A 385 16.08 2.45 -17.63
N ASP A 386 15.96 3.32 -16.63
CA ASP A 386 16.91 3.29 -15.50
C ASP A 386 16.76 2.01 -14.69
N PHE A 387 15.55 1.47 -14.65
CA PHE A 387 15.28 0.20 -14.00
C PHE A 387 16.03 -0.94 -14.68
N VAL A 388 15.91 -1.03 -16.01
CA VAL A 388 16.57 -2.08 -16.77
C VAL A 388 18.11 -1.91 -16.73
N ARG A 389 18.54 -0.66 -16.86
CA ARG A 389 19.95 -0.28 -16.76
C ARG A 389 20.58 -0.87 -15.53
N ASN A 390 19.93 -0.68 -14.39
CA ASN A 390 20.51 -1.12 -13.13
C ASN A 390 20.42 -2.63 -12.94
N LEU A 391 19.43 -3.26 -13.59
CA LEU A 391 19.43 -4.71 -13.68
C LEU A 391 20.69 -5.17 -14.43
N MET A 392 21.09 -4.39 -15.43
CA MET A 392 22.29 -4.73 -16.24
C MET A 392 23.57 -4.39 -15.47
N VAL A 393 23.47 -3.43 -14.56
CA VAL A 393 24.59 -3.12 -13.68
C VAL A 393 25.01 -4.36 -12.91
N GLU A 394 24.03 -4.99 -12.27
CA GLU A 394 24.32 -6.16 -11.44
C GLU A 394 24.65 -7.41 -12.24
N ALA A 395 24.29 -7.42 -13.53
CA ALA A 395 24.68 -8.52 -14.40
C ALA A 395 26.16 -8.38 -14.76
N GLN A 396 26.60 -7.14 -14.93
CA GLN A 396 28.01 -6.83 -15.18
C GLN A 396 28.85 -7.33 -14.01
N TRP A 397 28.28 -7.24 -12.81
CA TRP A 397 28.96 -7.61 -11.58
C TRP A 397 29.20 -9.12 -11.45
N ALA A 398 28.44 -9.93 -12.17
CA ALA A 398 28.64 -11.37 -12.10
C ALA A 398 29.56 -11.83 -13.22
N ASN A 399 29.68 -10.97 -14.24
CA ASN A 399 30.45 -11.28 -15.46
C ASN A 399 31.90 -10.83 -15.39
N GLU A 400 32.12 -9.59 -14.95
CA GLU A 400 33.43 -9.19 -14.45
C GLU A 400 33.28 -9.44 -12.94
N GLY A 401 34.29 -9.99 -12.30
CA GLY A 401 34.11 -10.41 -10.91
C GLY A 401 34.01 -9.30 -9.88
N HIS A 402 33.26 -8.25 -10.19
CA HIS A 402 33.14 -7.11 -9.28
C HIS A 402 32.14 -7.37 -8.14
N ILE A 403 32.54 -6.96 -6.94
CA ILE A 403 31.90 -7.41 -5.71
C ILE A 403 31.02 -6.28 -5.09
N PRO A 404 29.80 -6.64 -4.65
CA PRO A 404 28.70 -5.69 -4.44
C PRO A 404 28.92 -4.57 -3.42
N THR A 405 29.79 -4.80 -2.43
CA THR A 405 29.77 -4.02 -1.18
C THR A 405 28.38 -4.11 -0.57
N THR A 406 27.96 -3.05 0.12
CA THR A 406 26.64 -3.01 0.74
C THR A 406 26.09 -1.60 0.60
N GLU A 407 27.00 -0.67 0.29
CA GLU A 407 26.61 0.67 -0.09
C GLU A 407 25.76 0.52 -1.35
N GLU A 408 26.33 -0.17 -2.33
CA GLU A 408 25.70 -0.42 -3.62
C GLU A 408 24.53 -1.39 -3.54
N LEU A 409 24.67 -2.44 -2.74
CA LEU A 409 23.65 -3.49 -2.65
C LEU A 409 22.35 -2.97 -2.01
N ASP A 410 22.41 -1.78 -1.42
CA ASP A 410 21.23 -1.12 -0.90
C ASP A 410 20.81 0.01 -1.85
N SER A 411 21.81 0.65 -2.44
CA SER A 411 21.62 1.77 -3.36
C SER A 411 21.02 1.32 -4.69
N VAL A 412 21.68 0.37 -5.35
CA VAL A 412 21.21 -0.11 -6.66
C VAL A 412 19.92 -0.92 -6.52
N ALA A 413 19.62 -1.34 -5.29
CA ALA A 413 18.39 -2.09 -5.02
C ALA A 413 17.20 -1.18 -4.76
N VAL A 414 17.45 0.13 -4.65
CA VAL A 414 16.35 1.08 -4.57
C VAL A 414 15.71 1.11 -5.94
N ILE A 415 16.56 1.01 -6.96
CA ILE A 415 16.12 1.00 -8.34
C ILE A 415 15.59 -0.38 -8.76
N THR A 416 16.43 -1.41 -8.63
CA THR A 416 16.05 -2.73 -9.12
C THR A 416 14.92 -3.37 -8.34
N GLY A 417 14.62 -2.84 -7.15
CA GLY A 417 13.53 -3.34 -6.34
C GLY A 417 12.21 -2.73 -6.78
N GLY A 418 12.28 -1.76 -7.69
CA GLY A 418 11.07 -1.17 -8.28
C GLY A 418 10.48 0.05 -7.58
N ALA A 419 11.13 0.55 -6.53
CA ALA A 419 10.57 1.65 -5.74
C ALA A 419 10.32 2.89 -6.61
N ASN A 420 11.33 3.27 -7.39
CA ASN A 420 11.23 4.40 -8.30
C ASN A 420 10.23 4.13 -9.43
N LEU A 421 10.29 2.92 -9.98
CA LEU A 421 9.47 2.57 -11.15
C LEU A 421 7.98 2.54 -10.80
N LEU A 422 7.63 1.83 -9.73
CA LEU A 422 6.24 1.76 -9.29
C LEU A 422 5.69 3.15 -8.97
N THR A 423 6.50 3.99 -8.34
CA THR A 423 6.06 5.35 -8.00
C THR A 423 5.76 6.17 -9.26
N THR A 424 6.70 6.18 -10.19
CA THR A 424 6.49 6.94 -11.40
C THR A 424 5.45 6.29 -12.34
N THR A 425 5.24 4.99 -12.19
CA THR A 425 4.16 4.36 -12.98
C THR A 425 2.83 4.89 -12.47
N CYS A 426 2.75 5.14 -11.16
CA CYS A 426 1.56 5.82 -10.60
C CYS A 426 1.43 7.24 -11.13
N TYR A 427 2.57 7.93 -11.31
CA TYR A 427 2.53 9.27 -11.89
C TYR A 427 1.85 9.22 -13.26
N LEU A 428 2.26 8.27 -14.09
CA LEU A 428 1.72 8.18 -15.46
C LEU A 428 0.24 7.87 -15.44
N GLY A 429 -0.18 7.02 -14.50
CA GLY A 429 -1.58 6.64 -14.39
C GLY A 429 -2.42 7.76 -13.82
N MET A 430 -1.79 8.66 -13.07
CA MET A 430 -2.46 9.84 -12.51
C MET A 430 -1.96 11.14 -13.13
N SER A 431 -1.93 11.16 -14.46
CA SER A 431 -1.40 12.30 -15.21
C SER A 431 -2.08 13.64 -14.94
N ASP A 432 -3.37 13.62 -14.60
CA ASP A 432 -4.14 14.85 -14.42
C ASP A 432 -3.64 15.73 -13.27
N ILE A 433 -2.94 15.13 -12.31
CA ILE A 433 -2.48 15.88 -11.13
C ILE A 433 -0.94 15.95 -10.98
N VAL A 434 -0.21 15.14 -11.74
CA VAL A 434 1.24 15.19 -11.68
C VAL A 434 1.79 16.57 -12.05
N THR A 435 2.74 17.05 -11.27
CA THR A 435 3.41 18.31 -11.54
C THR A 435 4.82 18.02 -12.00
N LYS A 436 5.48 19.02 -12.59
CA LYS A 436 6.90 18.88 -12.91
C LYS A 436 7.66 18.67 -11.60
N GLU A 437 7.16 19.29 -10.54
CA GLU A 437 7.77 19.21 -9.22
C GLU A 437 7.74 17.79 -8.67
N ALA A 438 6.68 17.06 -8.98
CA ALA A 438 6.57 15.70 -8.48
C ALA A 438 7.68 14.86 -9.10
N PHE A 439 7.93 15.07 -10.39
CA PHE A 439 9.00 14.34 -11.06
C PHE A 439 10.37 14.76 -10.57
N GLU A 440 10.54 16.07 -10.31
CA GLU A 440 11.77 16.55 -9.70
C GLU A 440 12.00 15.81 -8.37
N TRP A 441 10.95 15.69 -7.57
CA TRP A 441 11.04 14.93 -6.33
C TRP A 441 11.51 13.51 -6.60
N ALA A 442 10.83 12.83 -7.51
CA ALA A 442 11.16 11.47 -7.93
C ALA A 442 12.62 11.30 -8.34
N VAL A 443 13.17 12.25 -9.08
CA VAL A 443 14.56 12.12 -9.55
C VAL A 443 15.56 12.54 -8.49
N SER A 444 15.09 13.22 -7.44
CA SER A 444 15.95 13.73 -6.38
C SER A 444 16.59 12.65 -5.52
N GLU A 445 16.23 11.39 -5.76
CA GLU A 445 16.56 10.30 -4.83
C GLU A 445 16.12 10.64 -3.40
N PRO A 446 14.80 10.82 -3.19
CA PRO A 446 14.27 11.25 -1.89
C PRO A 446 14.39 10.12 -0.88
N PRO A 447 14.65 10.46 0.40
CA PRO A 447 14.78 9.45 1.45
C PRO A 447 13.60 8.45 1.51
N LEU A 448 12.39 8.93 1.23
CA LEU A 448 11.21 8.06 1.32
C LEU A 448 11.32 6.84 0.39
N LEU A 449 11.81 7.05 -0.83
CA LEU A 449 11.94 5.94 -1.77
C LEU A 449 13.11 5.04 -1.39
N ARG A 450 14.19 5.65 -0.89
CA ARG A 450 15.32 4.89 -0.39
C ARG A 450 14.89 3.98 0.75
N TYR A 451 14.07 4.53 1.65
CA TYR A 451 13.60 3.78 2.80
C TYR A 451 12.70 2.61 2.37
N LYS A 452 11.77 2.89 1.46
CA LYS A 452 10.92 1.86 0.88
C LYS A 452 11.77 0.72 0.31
N GLY A 453 12.78 1.08 -0.48
CA GLY A 453 13.67 0.10 -1.07
C GLY A 453 14.40 -0.75 -0.04
N ILE A 454 14.93 -0.11 1.00
CA ILE A 454 15.66 -0.82 2.04
C ILE A 454 14.72 -1.71 2.86
N LEU A 455 13.56 -1.18 3.22
CA LEU A 455 12.57 -1.94 3.98
C LEU A 455 12.13 -3.19 3.21
N GLY A 456 11.91 -3.02 1.91
CA GLY A 456 11.52 -4.11 1.04
C GLY A 456 12.55 -5.23 1.05
N ARG A 457 13.82 -4.85 1.02
CA ARG A 457 14.90 -5.81 1.08
C ARG A 457 14.93 -6.50 2.44
N ARG A 458 14.75 -5.73 3.51
CA ARG A 458 14.77 -6.29 4.86
C ARG A 458 13.60 -7.25 5.07
N LEU A 459 12.42 -6.86 4.61
CA LEU A 459 11.23 -7.69 4.82
C LEU A 459 11.34 -9.01 4.05
N ASN A 460 11.94 -8.94 2.86
CA ASN A 460 12.14 -10.13 2.04
C ASN A 460 13.24 -11.03 2.60
N ASP A 461 14.22 -10.43 3.28
CA ASP A 461 15.30 -11.20 3.91
C ASP A 461 14.84 -11.91 5.17
N LEU A 462 13.65 -11.58 5.65
CA LEU A 462 13.09 -12.22 6.84
C LEU A 462 12.06 -13.30 6.49
N ALA A 463 12.15 -13.81 5.26
CA ALA A 463 11.43 -14.99 4.83
C ALA A 463 12.12 -15.66 3.63
N GLY A 464 12.82 -14.87 2.82
CA GLY A 464 13.64 -15.39 1.73
C GLY A 464 13.39 -14.80 0.35
N HIS A 465 14.46 -14.34 -0.31
CA HIS A 465 14.38 -13.86 -1.69
C HIS A 465 14.18 -15.01 -2.67
N SER A 475 18.13 -19.16 5.76
CA SER A 475 17.92 -17.73 5.96
C SER A 475 19.23 -16.98 5.68
N SER A 476 19.56 -16.85 4.40
CA SER A 476 20.83 -16.31 3.91
C SER A 476 21.19 -14.89 4.36
N SER A 477 20.68 -14.51 5.52
CA SER A 477 20.56 -13.10 5.88
C SER A 477 20.55 -13.02 7.38
N VAL A 478 19.57 -13.72 7.95
CA VAL A 478 19.50 -13.92 9.38
C VAL A 478 20.72 -14.72 9.79
N GLU A 479 20.98 -15.80 9.04
CA GLU A 479 22.17 -16.62 9.27
C GLU A 479 23.45 -15.83 9.00
N SER A 480 23.42 -14.94 8.02
CA SER A 480 24.56 -14.10 7.70
C SER A 480 24.75 -12.97 8.71
N TYR A 481 23.64 -12.49 9.27
CA TYR A 481 23.70 -11.51 10.35
C TYR A 481 24.35 -12.17 11.56
N MET A 482 23.96 -13.42 11.82
CA MET A 482 24.54 -14.21 12.90
C MET A 482 26.05 -14.35 12.70
N LYS A 483 26.50 -14.41 11.46
CA LYS A 483 27.94 -14.47 11.16
C LYS A 483 28.63 -13.15 11.49
N GLU A 484 28.03 -12.06 11.02
CA GLU A 484 28.61 -10.73 11.15
C GLU A 484 28.80 -10.33 12.60
N TYR A 485 27.76 -10.54 13.39
CA TYR A 485 27.76 -10.06 14.78
C TYR A 485 28.07 -11.17 15.78
N ASN A 486 28.21 -12.40 15.28
CA ASN A 486 28.42 -13.59 16.12
C ASN A 486 27.33 -13.76 17.19
N VAL A 487 26.08 -13.68 16.77
CA VAL A 487 24.97 -13.76 17.72
C VAL A 487 24.05 -14.94 17.41
N SER A 488 23.38 -15.44 18.44
CA SER A 488 22.40 -16.52 18.30
C SER A 488 21.21 -16.10 17.45
N GLU A 489 20.45 -17.09 16.99
CA GLU A 489 19.28 -16.83 16.14
C GLU A 489 18.26 -15.93 16.84
N GLU A 490 18.04 -16.16 18.13
CA GLU A 490 17.03 -15.39 18.87
C GLU A 490 17.37 -13.90 18.93
N TYR A 491 18.64 -13.59 19.19
CA TYR A 491 19.11 -12.22 19.31
C TYR A 491 19.11 -11.57 17.94
N ALA A 492 19.60 -12.30 16.95
CA ALA A 492 19.59 -11.82 15.56
C ALA A 492 18.20 -11.41 15.12
N LYS A 493 17.21 -12.26 15.39
CA LYS A 493 15.83 -11.96 14.99
C LYS A 493 15.34 -10.69 15.66
N ASN A 494 15.62 -10.54 16.94
CA ASN A 494 15.24 -9.30 17.65
C ASN A 494 15.89 -8.05 17.07
N LEU A 495 17.18 -8.16 16.74
CA LEU A 495 17.91 -7.05 16.15
C LEU A 495 17.35 -6.68 14.79
N LEU A 496 17.13 -7.69 13.96
CA LEU A 496 16.60 -7.46 12.62
C LEU A 496 15.19 -6.90 12.66
N TYR A 497 14.39 -7.36 13.62
CA TYR A 497 13.04 -6.84 13.71
C TYR A 497 13.00 -5.39 14.22
N LYS A 498 13.90 -5.03 15.13
CA LYS A 498 14.00 -3.65 15.57
C LYS A 498 14.40 -2.71 14.40
N GLN A 499 15.34 -3.17 13.57
CA GLN A 499 15.73 -2.40 12.38
C GLN A 499 14.53 -2.13 11.47
N VAL A 500 13.67 -3.13 11.34
CA VAL A 500 12.45 -2.93 10.55
C VAL A 500 11.52 -1.90 11.20
N GLU A 501 11.37 -1.97 12.52
CA GLU A 501 10.54 -0.99 13.21
C GLU A 501 11.10 0.41 13.04
N ASP A 502 12.42 0.53 13.10
CA ASP A 502 13.07 1.81 12.84
C ASP A 502 12.68 2.36 11.48
N LEU A 503 12.64 1.48 10.48
CA LEU A 503 12.32 1.92 9.11
C LEU A 503 10.89 2.45 8.97
N TRP A 504 9.93 1.78 9.59
CA TRP A 504 8.55 2.27 9.50
C TRP A 504 8.48 3.67 10.10
N LYS A 505 9.22 3.89 11.18
CA LYS A 505 9.24 5.21 11.81
C LYS A 505 9.92 6.25 10.90
N ASP A 506 11.00 5.85 10.23
CA ASP A 506 11.67 6.74 9.29
C ASP A 506 10.71 7.12 8.16
N ILE A 507 9.95 6.13 7.69
CA ILE A 507 9.01 6.36 6.61
C ILE A 507 7.85 7.27 7.02
N ASN A 508 7.38 7.10 8.26
CA ASN A 508 6.37 8.02 8.79
C ASN A 508 6.84 9.46 8.74
N ARG A 509 8.08 9.68 9.16
CA ARG A 509 8.63 11.05 9.16
C ARG A 509 8.65 11.62 7.75
N GLU A 510 9.14 10.84 6.78
CA GLU A 510 9.20 11.33 5.40
C GLU A 510 7.79 11.62 4.87
N TYR A 511 6.82 10.79 5.25
CA TYR A 511 5.44 11.01 4.82
C TYR A 511 4.88 12.33 5.33
N LEU A 512 5.21 12.67 6.58
CA LEU A 512 4.68 13.88 7.21
C LEU A 512 5.40 15.13 6.75
N ILE A 513 6.59 14.93 6.19
CA ILE A 513 7.45 16.05 5.80
C ILE A 513 7.42 16.32 4.30
N THR A 514 6.89 15.38 3.53
CA THR A 514 6.91 15.54 2.07
C THR A 514 5.69 16.29 1.52
N LYS A 515 5.92 17.49 0.98
CA LYS A 515 4.85 18.35 0.49
C LYS A 515 4.92 18.66 -1.01
N THR A 516 6.02 18.29 -1.67
CA THR A 516 6.23 18.70 -3.06
C THR A 516 5.56 17.79 -4.08
N ILE A 517 5.05 16.66 -3.60
CA ILE A 517 4.29 15.72 -4.41
C ILE A 517 2.82 15.87 -4.02
N PRO A 518 1.92 15.93 -5.03
CA PRO A 518 0.48 16.04 -4.75
C PRO A 518 0.04 14.94 -3.80
N ARG A 519 -0.79 15.30 -2.83
CA ARG A 519 -1.23 14.33 -1.82
C ARG A 519 -1.72 12.97 -2.33
N PRO A 520 -2.53 12.96 -3.40
CA PRO A 520 -3.06 11.65 -3.79
C PRO A 520 -1.95 10.72 -4.28
N LEU A 521 -0.84 11.28 -4.75
CA LEU A 521 0.30 10.46 -5.15
C LEU A 521 1.10 10.02 -3.94
N LEU A 522 1.14 10.88 -2.92
CA LEU A 522 1.86 10.54 -1.69
C LEU A 522 1.13 9.38 -1.02
N VAL A 523 -0.21 9.46 -1.05
CA VAL A 523 -1.05 8.41 -0.46
C VAL A 523 -0.78 7.10 -1.21
N ALA A 524 -0.64 7.18 -2.53
CA ALA A 524 -0.33 5.99 -3.34
C ALA A 524 1.01 5.41 -2.91
N VAL A 525 2.02 6.27 -2.74
CA VAL A 525 3.33 5.82 -2.32
C VAL A 525 3.24 5.11 -0.96
N ILE A 526 2.54 5.71 0.00
CA ILE A 526 2.52 5.15 1.35
C ILE A 526 1.78 3.80 1.34
N ASN A 527 0.78 3.66 0.47
CA ASN A 527 0.04 2.40 0.39
C ASN A 527 0.97 1.32 -0.17
N LEU A 528 1.73 1.68 -1.21
CA LEU A 528 2.67 0.72 -1.78
C LEU A 528 3.73 0.30 -0.76
N VAL A 529 4.14 1.22 0.11
CA VAL A 529 5.10 0.84 1.17
C VAL A 529 4.46 -0.12 2.17
N HIS A 530 3.23 0.19 2.60
CA HIS A 530 2.55 -0.71 3.53
C HIS A 530 2.23 -2.07 2.91
N PHE A 531 2.01 -2.07 1.59
CA PHE A 531 1.80 -3.33 0.88
C PHE A 531 2.96 -4.31 1.04
N LEU A 532 4.17 -3.79 1.23
CA LEU A 532 5.35 -4.66 1.33
C LEU A 532 5.18 -5.62 2.49
N ASP A 533 4.47 -5.18 3.52
CA ASP A 533 4.23 -6.01 4.70
C ASP A 533 3.36 -7.21 4.33
N VAL A 534 2.48 -7.04 3.35
CA VAL A 534 1.63 -8.12 2.84
C VAL A 534 2.40 -8.96 1.83
N LEU A 535 3.14 -8.28 0.96
CA LEU A 535 3.96 -8.98 -0.02
C LEU A 535 4.90 -9.97 0.66
N TYR A 536 5.57 -9.52 1.72
CA TYR A 536 6.58 -10.35 2.35
C TYR A 536 6.16 -10.88 3.73
N ALA A 537 4.89 -11.25 3.86
CA ALA A 537 4.33 -11.65 5.16
C ALA A 537 5.00 -12.87 5.82
N ALA A 538 4.95 -14.03 5.17
CA ALA A 538 5.51 -15.25 5.75
C ALA A 538 6.30 -16.08 4.73
N LYS A 539 6.28 -15.63 3.48
CA LYS A 539 7.08 -16.22 2.42
C LYS A 539 7.10 -15.28 1.21
N ASP A 540 7.73 -15.70 0.13
CA ASP A 540 7.68 -14.96 -1.13
C ASP A 540 6.41 -15.39 -1.87
N ALA A 541 5.39 -14.52 -1.86
CA ALA A 541 4.05 -14.92 -2.27
C ALA A 541 3.78 -14.91 -3.78
N PHE A 542 4.82 -14.82 -4.61
CA PHE A 542 4.64 -14.75 -6.06
C PHE A 542 4.93 -16.07 -6.79
N THR A 543 5.71 -16.94 -6.16
CA THR A 543 5.93 -18.29 -6.67
C THR A 543 5.15 -19.24 -5.78
N ALA A 544 5.41 -19.14 -4.48
CA ALA A 544 4.55 -19.74 -3.47
C ALA A 544 3.35 -18.82 -3.31
N MET A 545 2.49 -19.11 -2.35
CA MET A 545 1.40 -18.21 -2.00
C MET A 545 0.84 -18.61 -0.65
N GLY A 546 1.16 -17.83 0.38
CA GLY A 546 0.67 -18.09 1.71
C GLY A 546 -0.85 -18.00 1.78
N GLU A 547 -1.44 -18.80 2.67
CA GLU A 547 -2.89 -18.77 2.89
C GLU A 547 -3.34 -17.36 3.28
N GLU A 548 -2.47 -16.67 4.02
CA GLU A 548 -2.76 -15.31 4.45
C GLU A 548 -3.01 -14.44 3.23
N TYR A 549 -2.05 -14.45 2.29
CA TYR A 549 -2.16 -13.68 1.07
C TYR A 549 -3.37 -14.13 0.22
N LYS A 550 -3.58 -15.45 0.16
CA LYS A 550 -4.66 -15.98 -0.67
C LYS A 550 -6.02 -15.48 -0.20
N ASN A 551 -6.23 -15.47 1.11
CA ASN A 551 -7.55 -15.08 1.61
C ASN A 551 -7.80 -13.58 1.55
N LEU A 552 -6.73 -12.79 1.59
CA LEU A 552 -6.85 -11.36 1.38
C LEU A 552 -7.41 -11.11 -0.02
N VAL A 553 -6.87 -11.83 -1.00
CA VAL A 553 -7.33 -11.70 -2.38
C VAL A 553 -8.81 -12.07 -2.48
N LYS A 554 -9.20 -13.18 -1.87
CA LYS A 554 -10.60 -13.60 -1.91
C LYS A 554 -11.52 -12.60 -1.20
N SER A 555 -11.05 -12.05 -0.09
CA SER A 555 -11.86 -11.11 0.68
C SER A 555 -12.10 -9.84 -0.12
N LEU A 556 -11.15 -9.47 -0.96
CA LEU A 556 -11.29 -8.27 -1.79
C LEU A 556 -12.03 -8.52 -3.12
N LEU A 557 -11.78 -9.66 -3.76
CA LEU A 557 -12.28 -9.85 -5.12
C LEU A 557 -13.40 -10.88 -5.29
N VAL A 558 -13.54 -11.79 -4.32
CA VAL A 558 -14.46 -12.90 -4.54
C VAL A 558 -15.76 -12.82 -3.72
N TYR A 559 -15.65 -12.62 -2.41
CA TYR A 559 -16.85 -12.59 -1.57
C TYR A 559 -17.42 -11.17 -1.50
N PRO A 560 -18.70 -11.03 -1.93
CA PRO A 560 -19.42 -9.76 -1.78
C PRO A 560 -19.94 -9.60 -0.35
N MET A 561 -20.28 -8.39 0.06
CA MET A 561 -20.91 -8.16 1.37
C MET A 561 -22.33 -8.69 1.32
N SER A 562 -22.82 -9.16 2.45
CA SER A 562 -24.16 -9.74 2.46
C SER A 562 -25.25 -8.69 2.70
N ILE A 563 -26.28 -8.74 1.87
CA ILE A 563 -27.42 -7.81 1.93
C ILE A 563 -26.97 -6.37 1.69
#